data_7GYX
#
_entry.id   7GYX
#
_cell.length_a   52.130
_cell.length_b   82.630
_cell.length_c   94.130
_cell.angle_alpha   90.000
_cell.angle_beta   90.000
_cell.angle_gamma   90.000
#
_symmetry.space_group_name_H-M   'P 21 21 21'
#
loop_
_entity.id
_entity.type
_entity.pdbx_description
1 polymer 'Heat shock 70 kDa protein 1A'
2 non-polymer 'PHOSPHATE ION'
3 non-polymer 'DIMETHYL SULFOXIDE'
4 non-polymer 1,2-ETHANEDIOL
5 non-polymer DI(HYDROXYETHYL)ETHER
6 non-polymer 3-PYRIDINIUM-1-YLPROPANE-1-SULFONATE
7 non-polymer 8-chloroadenosine
8 water water
#
_entity_poly.entity_id   1
_entity_poly.type   'polypeptide(L)'
_entity_poly.pdbx_seq_one_letter_code
;GPLGSMAKAAAIGIDLGTTYSCVGVFQHGKVEIIANDQGNRTTPSYVAFTDTERLIGDAAKNQVALNPQNTVFDAKRLIG
RKFGDPVVQSDMKHWPFQVINDGDKPKVQVSYKGETKAFYPEEISSMVLTKMKEIAEAYLGYPVTNAVITVPAYFNDSQR
QATKDAGVIAGLNVLRIINEPTAAAIAYGLDRTGKGERNVLIFDLGGGTFDVSILTIDDGIFEVKATAGDTHLGGEDFDN
RLVNHFVEEFKRKHKKDISQNKRAVRRLRTACERAKRTLSSSTQASLEIDSLFEGIDFYTSITRARFEELCSDLFRSTLE
PVEKALRDAKLDKAQIHDLVLVGGSTRIPKVQKLLQDFFNGRDLNKSINPDEAVAYGAAVQAAILIKSTRAAAS
;
_entity_poly.pdbx_strand_id   A
#
loop_
_chem_comp.id
_chem_comp.type
_chem_comp.name
_chem_comp.formula
1PS non-polymer 3-PYRIDINIUM-1-YLPROPANE-1-SULFONATE 'C8 H11 N O3 S'
A1ACZ non-polymer 8-chloroadenosine 'C10 H12 Cl N5 O4'
DMS non-polymer 'DIMETHYL SULFOXIDE' 'C2 H6 O S'
EDO non-polymer 1,2-ETHANEDIOL 'C2 H6 O2'
PEG non-polymer DI(HYDROXYETHYL)ETHER 'C4 H10 O3'
PO4 non-polymer 'PHOSPHATE ION' 'O4 P -3'
#
# COMPACT_ATOMS: atom_id res chain seq x y z
N MET A 6 18.32 25.92 -3.24
CA MET A 6 18.88 24.80 -2.47
C MET A 6 17.72 23.93 -1.96
N ALA A 7 17.33 24.11 -0.68
CA ALA A 7 16.24 23.41 0.00
C ALA A 7 14.88 23.96 -0.46
N LYS A 8 14.76 25.30 -0.61
CA LYS A 8 13.51 25.97 -1.02
C LYS A 8 13.10 25.65 -2.46
N ALA A 9 14.04 25.19 -3.30
CA ALA A 9 13.82 24.81 -4.70
C ALA A 9 13.65 23.28 -4.88
N ALA A 10 13.71 22.54 -3.77
CA ALA A 10 13.59 21.08 -3.72
C ALA A 10 12.21 20.70 -3.22
N ALA A 11 11.68 19.61 -3.79
CA ALA A 11 10.36 19.10 -3.44
C ALA A 11 10.37 17.57 -3.54
N ILE A 12 9.64 16.91 -2.63
CA ILE A 12 9.55 15.44 -2.63
C ILE A 12 8.13 14.98 -2.95
N GLY A 13 8.02 13.74 -3.39
CA GLY A 13 6.74 13.13 -3.67
C GLY A 13 6.56 11.98 -2.70
N ILE A 14 5.46 12.00 -1.97
CA ILE A 14 5.17 10.96 -0.97
C ILE A 14 3.92 10.17 -1.32
N ASP A 15 4.04 8.84 -1.32
CA ASP A 15 2.93 7.91 -1.48
C ASP A 15 2.64 7.44 -0.06
N LEU A 16 1.61 8.00 0.57
CA LEU A 16 1.16 7.64 1.92
C LEU A 16 0.09 6.53 1.77
N GLY A 17 0.55 5.30 1.85
CA GLY A 17 -0.29 4.12 1.66
C GLY A 17 -0.87 3.57 2.92
N THR A 18 -1.85 2.69 2.76
CA THR A 18 -2.53 2.01 3.87
C THR A 18 -1.54 1.14 4.64
N THR A 19 -0.73 0.34 3.92
CA THR A 19 0.21 -0.61 4.54
C THR A 19 1.68 -0.18 4.37
N TYR A 20 2.02 0.42 3.22
CA TYR A 20 3.39 0.84 2.92
C TYR A 20 3.39 2.25 2.37
N SER A 21 4.45 3.01 2.68
CA SER A 21 4.69 4.36 2.20
C SER A 21 6.02 4.42 1.48
N CYS A 22 6.09 5.32 0.50
CA CYS A 22 7.21 5.45 -0.42
C CYS A 22 7.49 6.92 -0.65
N VAL A 23 8.76 7.30 -0.79
CA VAL A 23 9.19 8.69 -1.00
C VAL A 23 10.16 8.75 -2.18
N GLY A 24 9.88 9.68 -3.11
CA GLY A 24 10.69 9.90 -4.31
C GLY A 24 11.13 11.34 -4.46
N VAL A 25 12.19 11.55 -5.23
CA VAL A 25 12.73 12.87 -5.50
C VAL A 25 13.17 12.97 -6.96
N PHE A 26 12.72 14.03 -7.65
CA PHE A 26 13.11 14.27 -9.03
C PHE A 26 14.26 15.28 -9.10
N GLN A 27 15.46 14.78 -9.44
CA GLN A 27 16.65 15.62 -9.60
C GLN A 27 17.55 15.10 -10.70
N HIS A 28 18.21 16.04 -11.41
CA HIS A 28 19.15 15.80 -12.51
C HIS A 28 18.55 14.93 -13.64
N GLY A 29 17.26 15.17 -13.92
CA GLY A 29 16.51 14.50 -14.98
C GLY A 29 15.98 13.12 -14.66
N LYS A 30 16.09 12.67 -13.40
CA LYS A 30 15.63 11.33 -13.03
C LYS A 30 14.96 11.26 -11.68
N VAL A 31 14.04 10.30 -11.53
CA VAL A 31 13.38 10.07 -10.26
C VAL A 31 14.22 9.05 -9.52
N GLU A 32 14.50 9.34 -8.26
CA GLU A 32 15.20 8.46 -7.35
C GLU A 32 14.19 8.10 -6.26
N ILE A 33 13.92 6.81 -6.07
CA ILE A 33 13.06 6.32 -5.00
C ILE A 33 14.04 6.11 -3.85
N ILE A 34 13.83 6.82 -2.75
CA ILE A 34 14.79 6.86 -1.66
C ILE A 34 14.64 5.67 -0.73
N ALA A 35 15.77 4.94 -0.52
CA ALA A 35 15.80 3.79 0.39
C ALA A 35 15.89 4.28 1.82
N ASN A 36 15.22 3.59 2.77
CA ASN A 36 15.31 3.92 4.20
C ASN A 36 16.67 3.45 4.79
N ASP A 37 16.89 3.63 6.12
CA ASP A 37 18.16 3.23 6.76
C ASP A 37 18.38 1.70 6.80
N GLN A 38 17.36 0.89 6.43
CA GLN A 38 17.45 -0.57 6.33
C GLN A 38 17.61 -1.03 4.86
N GLY A 39 17.75 -0.07 3.94
CA GLY A 39 17.92 -0.32 2.51
C GLY A 39 16.65 -0.59 1.72
N ASN A 40 15.48 -0.44 2.34
CA ASN A 40 14.18 -0.68 1.70
C ASN A 40 13.59 0.56 1.05
N ARG A 41 13.09 0.42 -0.19
CA ARG A 41 12.52 1.51 -0.97
C ARG A 41 11.09 1.85 -0.56
N THR A 42 10.47 0.98 0.26
CA THR A 42 9.13 1.19 0.82
C THR A 42 9.23 0.95 2.33
N THR A 43 8.44 1.67 3.09
CA THR A 43 8.45 1.62 4.55
C THR A 43 7.04 1.27 5.04
N PRO A 44 6.89 0.28 5.95
CA PRO A 44 5.55 -0.02 6.51
C PRO A 44 4.92 1.19 7.21
N SER A 45 3.60 1.41 7.02
CA SER A 45 2.83 2.53 7.63
C SER A 45 2.40 2.11 9.05
N TYR A 46 3.39 1.78 9.89
CA TYR A 46 3.22 1.30 11.24
C TYR A 46 3.89 2.25 12.23
N VAL A 47 3.27 2.43 13.39
CA VAL A 47 3.78 3.24 14.48
C VAL A 47 3.56 2.40 15.75
N ALA A 48 4.64 2.06 16.43
CA ALA A 48 4.66 1.30 17.68
C ALA A 48 4.97 2.23 18.84
N PHE A 49 4.27 2.04 19.95
CA PHE A 49 4.46 2.80 21.19
C PHE A 49 4.93 1.80 22.21
N THR A 50 6.15 1.98 22.73
CA THR A 50 6.75 1.01 23.66
C THR A 50 7.01 1.64 25.04
N ASP A 51 7.66 0.87 25.93
N ASP A 51 7.65 0.88 25.95
CA ASP A 51 7.99 1.29 27.29
CA ASP A 51 7.95 1.37 27.29
C ASP A 51 9.06 2.39 27.29
C ASP A 51 9.04 2.44 27.27
N THR A 52 9.91 2.45 26.24
CA THR A 52 10.99 3.46 26.13
C THR A 52 10.90 4.37 24.90
N GLU A 53 10.37 3.86 23.81
CA GLU A 53 10.38 4.64 22.58
C GLU A 53 9.16 4.48 21.72
N ARG A 54 9.12 5.31 20.69
CA ARG A 54 8.12 5.32 19.66
C ARG A 54 8.86 4.82 18.43
N LEU A 55 8.38 3.73 17.82
CA LEU A 55 8.99 3.16 16.61
C LEU A 55 8.12 3.45 15.38
N ILE A 56 8.76 3.71 14.25
CA ILE A 56 8.06 4.02 13.01
C ILE A 56 8.66 3.20 11.87
N GLY A 57 7.81 2.48 11.15
CA GLY A 57 8.22 1.74 9.98
C GLY A 57 8.54 0.30 10.22
N ASP A 58 9.69 -0.12 9.69
CA ASP A 58 10.20 -1.49 9.74
C ASP A 58 10.39 -1.98 11.16
N ALA A 59 11.01 -1.16 12.04
CA ALA A 59 11.21 -1.48 13.45
C ALA A 59 9.85 -1.70 14.17
N ALA A 60 8.80 -0.95 13.78
CA ALA A 60 7.46 -1.07 14.33
C ALA A 60 6.77 -2.35 13.86
N LYS A 61 6.93 -2.70 12.57
CA LYS A 61 6.35 -3.90 11.97
C LYS A 61 6.99 -5.17 12.55
N ASN A 62 8.31 -5.14 12.82
CA ASN A 62 9.07 -6.26 13.39
C ASN A 62 8.73 -6.65 14.84
N GLN A 63 8.10 -5.76 15.61
CA GLN A 63 7.75 -6.04 17.01
C GLN A 63 6.23 -6.12 17.22
N VAL A 64 5.44 -6.16 16.12
CA VAL A 64 3.98 -6.20 16.17
C VAL A 64 3.45 -7.45 16.93
N ALA A 65 4.18 -8.58 16.87
CA ALA A 65 3.78 -9.83 17.53
C ALA A 65 3.82 -9.71 19.04
N LEU A 66 4.86 -9.03 19.57
CA LEU A 66 5.07 -8.87 21.00
C LEU A 66 4.28 -7.70 21.61
N ASN A 67 3.88 -6.72 20.77
CA ASN A 67 3.17 -5.52 21.22
C ASN A 67 1.96 -5.21 20.34
N PRO A 68 0.94 -6.09 20.22
CA PRO A 68 -0.16 -5.80 19.27
C PRO A 68 -1.12 -4.68 19.68
N GLN A 69 -1.35 -4.49 20.99
CA GLN A 69 -2.25 -3.44 21.47
C GLN A 69 -1.68 -2.04 21.29
N ASN A 70 -0.35 -1.91 21.20
CA ASN A 70 0.26 -0.58 21.07
C ASN A 70 0.93 -0.33 19.73
N THR A 71 0.63 -1.18 18.73
CA THR A 71 1.14 -1.01 17.37
C THR A 71 -0.01 -0.58 16.46
N VAL A 72 0.01 0.67 16.02
CA VAL A 72 -1.04 1.24 15.17
C VAL A 72 -0.67 1.08 13.70
N PHE A 73 -1.67 0.71 12.92
CA PHE A 73 -1.57 0.56 11.47
C PHE A 73 -2.97 0.92 10.93
N ASP A 74 -3.18 0.96 9.59
CA ASP A 74 -4.48 1.24 8.96
C ASP A 74 -5.08 2.61 9.31
N ALA A 75 -4.27 3.60 9.70
CA ALA A 75 -4.74 4.95 10.06
C ALA A 75 -5.47 5.65 8.91
N LYS A 76 -5.13 5.30 7.67
CA LYS A 76 -5.69 5.79 6.41
C LYS A 76 -7.17 5.38 6.25
N ARG A 77 -7.56 4.29 6.93
CA ARG A 77 -8.93 3.78 6.98
C ARG A 77 -9.80 4.62 7.94
N LEU A 78 -9.16 5.37 8.84
CA LEU A 78 -9.80 6.22 9.85
C LEU A 78 -9.75 7.71 9.54
N ILE A 79 -8.68 8.18 8.85
CA ILE A 79 -8.44 9.59 8.51
C ILE A 79 -9.67 10.25 7.83
N GLY A 80 -10.03 11.43 8.34
CA GLY A 80 -11.13 12.23 7.82
C GLY A 80 -12.52 11.68 8.04
N ARG A 81 -12.65 10.59 8.83
CA ARG A 81 -13.95 9.93 9.13
C ARG A 81 -14.47 10.22 10.53
N LYS A 82 -15.80 10.12 10.68
CA LYS A 82 -16.49 10.29 11.97
C LYS A 82 -16.53 8.93 12.68
N PHE A 83 -16.52 8.92 14.02
CA PHE A 83 -16.57 7.69 14.81
C PHE A 83 -17.78 6.81 14.45
N GLY A 84 -18.95 7.42 14.29
CA GLY A 84 -20.20 6.72 13.97
C GLY A 84 -20.32 6.10 12.59
N ASP A 85 -19.42 6.48 11.64
CA ASP A 85 -19.36 5.99 10.26
C ASP A 85 -19.40 4.44 10.27
N PRO A 86 -20.33 3.77 9.54
CA PRO A 86 -20.34 2.30 9.54
C PRO A 86 -19.05 1.61 9.08
N VAL A 87 -18.16 2.35 8.36
CA VAL A 87 -16.88 1.84 7.89
C VAL A 87 -15.94 1.69 9.10
N VAL A 88 -15.90 2.74 9.97
CA VAL A 88 -15.11 2.82 11.19
C VAL A 88 -15.58 1.74 12.17
N GLN A 89 -16.90 1.66 12.40
CA GLN A 89 -17.50 0.69 13.31
C GLN A 89 -17.23 -0.75 12.92
N SER A 90 -17.29 -1.04 11.62
CA SER A 90 -17.01 -2.37 11.09
C SER A 90 -15.52 -2.71 11.22
N ASP A 91 -14.62 -1.77 10.87
CA ASP A 91 -13.16 -1.99 10.92
C ASP A 91 -12.60 -2.18 12.34
N MET A 92 -13.15 -1.45 13.33
CA MET A 92 -12.78 -1.48 14.75
C MET A 92 -12.80 -2.88 15.37
N LYS A 93 -13.72 -3.73 14.89
CA LYS A 93 -13.89 -5.12 15.34
C LYS A 93 -12.70 -6.02 14.95
N HIS A 94 -11.80 -5.54 14.06
CA HIS A 94 -10.67 -6.33 13.58
C HIS A 94 -9.29 -5.78 13.97
N TRP A 95 -9.22 -4.63 14.67
CA TRP A 95 -7.94 -4.07 15.07
C TRP A 95 -7.56 -4.45 16.49
N PRO A 96 -6.27 -4.76 16.77
CA PRO A 96 -5.90 -5.09 18.17
C PRO A 96 -5.71 -3.86 19.06
N PHE A 97 -5.63 -2.67 18.47
CA PHE A 97 -5.47 -1.43 19.25
C PHE A 97 -6.86 -0.85 19.55
N GLN A 98 -6.97 -0.03 20.60
CA GLN A 98 -8.21 0.60 20.98
C GLN A 98 -8.53 1.84 20.14
N VAL A 99 -9.77 1.96 19.67
CA VAL A 99 -10.26 3.13 18.95
C VAL A 99 -11.39 3.74 19.83
N ILE A 100 -11.22 5.01 20.20
CA ILE A 100 -12.14 5.72 21.09
C ILE A 100 -12.79 6.87 20.38
N ASN A 101 -13.84 7.44 20.99
CA ASN A 101 -14.58 8.54 20.41
C ASN A 101 -14.36 9.86 21.15
N ASP A 102 -13.78 10.85 20.44
CA ASP A 102 -13.56 12.20 20.98
C ASP A 102 -14.41 13.23 20.16
N GLY A 103 -15.63 13.49 20.63
CA GLY A 103 -16.59 14.39 20.00
C GLY A 103 -16.91 14.04 18.56
N ASP A 104 -17.33 12.77 18.33
CA ASP A 104 -17.65 12.14 17.03
C ASP A 104 -16.41 11.94 16.11
N LYS A 105 -15.20 12.08 16.67
CA LYS A 105 -13.96 11.87 15.91
C LYS A 105 -13.19 10.69 16.51
N PRO A 106 -12.76 9.69 15.71
CA PRO A 106 -11.99 8.58 16.29
C PRO A 106 -10.58 8.99 16.70
N LYS A 107 -10.11 8.45 17.82
CA LYS A 107 -8.76 8.59 18.33
C LYS A 107 -8.25 7.18 18.61
N VAL A 108 -6.94 6.92 18.44
CA VAL A 108 -6.39 5.61 18.76
C VAL A 108 -5.77 5.75 20.15
N GLN A 109 -6.18 4.89 21.09
CA GLN A 109 -5.68 4.94 22.46
C GLN A 109 -4.64 3.84 22.67
N VAL A 110 -3.48 4.23 23.20
CA VAL A 110 -2.34 3.33 23.39
C VAL A 110 -1.64 3.60 24.72
N SER A 111 -0.76 2.68 25.11
CA SER A 111 0.11 2.83 26.27
C SER A 111 1.48 3.20 25.69
N TYR A 112 2.03 4.32 26.15
CA TYR A 112 3.31 4.84 25.68
C TYR A 112 4.12 5.32 26.86
N LYS A 113 5.36 4.79 26.99
CA LYS A 113 6.27 5.09 28.11
C LYS A 113 5.55 4.98 29.46
N GLY A 114 4.68 3.97 29.57
CA GLY A 114 3.90 3.69 30.78
C GLY A 114 2.68 4.57 31.01
N GLU A 115 2.32 5.44 30.06
CA GLU A 115 1.15 6.33 30.21
C GLU A 115 0.12 6.09 29.11
N THR A 116 -1.17 6.29 29.43
CA THR A 116 -2.27 6.15 28.47
C THR A 116 -2.31 7.42 27.60
N LYS A 117 -2.12 7.27 26.28
CA LYS A 117 -2.13 8.37 25.32
C LYS A 117 -3.09 8.11 24.17
N ALA A 118 -3.78 9.16 23.69
CA ALA A 118 -4.71 9.04 22.56
C ALA A 118 -4.29 9.95 21.41
N PHE A 119 -4.39 9.44 20.15
CA PHE A 119 -3.97 10.17 18.96
C PHE A 119 -5.01 10.21 17.88
N TYR A 120 -5.15 11.36 17.23
CA TYR A 120 -6.02 11.49 16.07
C TYR A 120 -5.37 10.75 14.91
N PRO A 121 -6.15 10.19 13.96
CA PRO A 121 -5.53 9.51 12.79
C PRO A 121 -4.52 10.36 12.04
N GLU A 122 -4.74 11.68 11.96
CA GLU A 122 -3.80 12.61 11.28
C GLU A 122 -2.50 12.77 12.05
N GLU A 123 -2.50 12.65 13.39
CA GLU A 123 -1.26 12.66 14.20
C GLU A 123 -0.48 11.37 13.94
N ILE A 124 -1.19 10.24 13.74
CA ILE A 124 -0.55 8.94 13.43
C ILE A 124 0.08 9.02 12.05
N SER A 125 -0.68 9.49 11.06
CA SER A 125 -0.17 9.64 9.69
C SER A 125 0.96 10.69 9.60
N SER A 126 0.96 11.72 10.45
CA SER A 126 2.02 12.72 10.52
C SER A 126 3.35 12.14 11.00
N MET A 127 3.32 11.06 11.84
CA MET A 127 4.51 10.36 12.32
C MET A 127 5.11 9.56 11.21
N VAL A 128 4.27 8.94 10.35
CA VAL A 128 4.72 8.22 9.15
C VAL A 128 5.32 9.26 8.18
N LEU A 129 4.60 10.38 7.92
CA LEU A 129 5.10 11.47 7.07
C LEU A 129 6.43 12.07 7.58
N THR A 130 6.62 12.20 8.92
CA THR A 130 7.87 12.72 9.50
C THR A 130 9.02 11.80 9.14
N LYS A 131 8.81 10.46 9.23
CA LYS A 131 9.76 9.42 8.87
C LYS A 131 10.16 9.53 7.39
N MET A 132 9.18 9.68 6.47
CA MET A 132 9.44 9.82 5.03
C MET A 132 10.30 11.07 4.75
N LYS A 133 9.99 12.15 5.45
CA LYS A 133 10.69 13.43 5.37
C LYS A 133 12.15 13.27 5.85
N GLU A 134 12.37 12.53 6.97
CA GLU A 134 13.72 12.27 7.51
C GLU A 134 14.54 11.31 6.63
N ILE A 135 13.89 10.41 5.89
CA ILE A 135 14.52 9.50 4.94
C ILE A 135 15.07 10.31 3.73
N ALA A 136 14.27 11.26 3.19
CA ALA A 136 14.65 12.15 2.09
C ALA A 136 15.78 13.11 2.52
N GLU A 137 15.68 13.68 3.73
CA GLU A 137 16.68 14.58 4.29
C GLU A 137 18.06 13.87 4.41
N ALA A 138 18.07 12.61 4.90
CA ALA A 138 19.31 11.83 5.06
C ALA A 138 19.87 11.49 3.70
N TYR A 139 19.00 11.32 2.67
CA TYR A 139 19.50 11.02 1.33
C TYR A 139 20.08 12.29 0.69
N LEU A 140 19.35 13.42 0.79
CA LEU A 140 19.73 14.68 0.16
C LEU A 140 20.88 15.44 0.84
N GLY A 141 20.99 15.35 2.16
CA GLY A 141 22.03 16.06 2.89
C GLY A 141 21.61 17.41 3.41
N TYR A 142 20.35 17.80 3.17
CA TYR A 142 19.74 19.04 3.61
C TYR A 142 18.24 18.82 3.85
N PRO A 143 17.59 19.62 4.73
CA PRO A 143 16.14 19.41 4.96
C PRO A 143 15.29 19.80 3.75
N VAL A 144 14.29 19.00 3.45
CA VAL A 144 13.36 19.27 2.36
C VAL A 144 12.01 19.39 3.02
N THR A 145 11.27 20.44 2.68
CA THR A 145 10.00 20.68 3.32
C THR A 145 8.81 20.67 2.33
N ASN A 146 9.03 21.00 1.06
CA ASN A 146 7.96 20.99 0.06
C ASN A 146 7.62 19.57 -0.36
N ALA A 147 6.33 19.23 -0.38
CA ALA A 147 5.90 17.88 -0.74
C ALA A 147 4.59 17.78 -1.49
N VAL A 148 4.49 16.78 -2.37
CA VAL A 148 3.23 16.40 -3.01
C VAL A 148 2.82 15.09 -2.32
N ILE A 149 1.63 15.06 -1.71
CA ILE A 149 1.14 13.85 -1.04
C ILE A 149 -0.05 13.29 -1.84
N THR A 150 -0.08 11.99 -2.01
CA THR A 150 -1.14 11.32 -2.77
C THR A 150 -2.23 10.75 -1.89
N VAL A 151 -3.44 10.65 -2.43
CA VAL A 151 -4.61 10.05 -1.77
C VAL A 151 -5.40 9.16 -2.77
N PRO A 152 -6.22 8.19 -2.30
CA PRO A 152 -7.09 7.47 -3.24
C PRO A 152 -8.05 8.46 -3.94
N ALA A 153 -8.39 8.17 -5.21
CA ALA A 153 -9.27 9.02 -6.03
C ALA A 153 -10.68 9.18 -5.46
N TYR A 154 -11.12 8.25 -4.58
CA TYR A 154 -12.46 8.30 -3.97
C TYR A 154 -12.50 9.08 -2.65
N PHE A 155 -11.34 9.54 -2.16
CA PHE A 155 -11.30 10.33 -0.92
C PHE A 155 -12.11 11.62 -1.12
N ASN A 156 -12.99 11.94 -0.16
CA ASN A 156 -13.79 13.17 -0.22
C ASN A 156 -12.95 14.36 0.30
N ASP A 157 -13.58 15.54 0.44
CA ASP A 157 -12.92 16.76 0.92
C ASP A 157 -12.40 16.67 2.36
N SER A 158 -13.11 15.98 3.24
CA SER A 158 -12.73 15.82 4.64
C SER A 158 -11.48 14.90 4.80
N GLN A 159 -11.35 13.90 3.95
CA GLN A 159 -10.22 12.98 3.98
C GLN A 159 -8.99 13.65 3.42
N ARG A 160 -9.14 14.45 2.32
CA ARG A 160 -8.06 15.21 1.69
C ARG A 160 -7.54 16.30 2.66
N GLN A 161 -8.44 16.98 3.37
CA GLN A 161 -8.11 18.02 4.34
C GLN A 161 -7.33 17.46 5.52
N ALA A 162 -7.75 16.27 6.02
CA ALA A 162 -7.08 15.62 7.15
C ALA A 162 -5.71 15.11 6.75
N THR A 163 -5.52 14.74 5.46
CA THR A 163 -4.22 14.32 4.95
C THR A 163 -3.27 15.54 4.86
N LYS A 164 -3.81 16.70 4.44
CA LYS A 164 -3.04 17.95 4.34
C LYS A 164 -2.59 18.35 5.76
N ASP A 165 -3.52 18.27 6.76
CA ASP A 165 -3.25 18.52 8.19
C ASP A 165 -2.16 17.60 8.72
N ALA A 166 -2.13 16.32 8.31
CA ALA A 166 -1.05 15.38 8.68
C ALA A 166 0.28 15.91 8.14
N GLY A 167 0.30 16.44 6.93
CA GLY A 167 1.50 17.03 6.32
C GLY A 167 1.96 18.27 7.04
N VAL A 168 1.03 19.11 7.52
CA VAL A 168 1.33 20.31 8.32
C VAL A 168 2.00 19.91 9.65
N ILE A 169 1.38 18.99 10.41
CA ILE A 169 1.93 18.48 11.68
C ILE A 169 3.36 17.92 11.48
N ALA A 170 3.61 17.21 10.36
CA ALA A 170 4.92 16.62 10.01
C ALA A 170 5.98 17.67 9.61
N GLY A 171 5.56 18.93 9.38
CA GLY A 171 6.48 20.01 9.01
C GLY A 171 6.72 20.10 7.53
N LEU A 172 5.75 19.66 6.74
CA LEU A 172 5.86 19.74 5.30
C LEU A 172 4.98 20.87 4.75
N ASN A 173 5.44 21.51 3.70
CA ASN A 173 4.64 22.48 2.99
C ASN A 173 4.00 21.63 1.86
N VAL A 174 2.72 21.33 1.97
CA VAL A 174 2.00 20.49 1.02
C VAL A 174 1.67 21.33 -0.21
N LEU A 175 2.39 21.06 -1.32
CA LEU A 175 2.19 21.80 -2.57
C LEU A 175 0.85 21.45 -3.19
N ARG A 176 0.45 20.17 -3.08
CA ARG A 176 -0.79 19.63 -3.59
C ARG A 176 -1.04 18.22 -3.06
N ILE A 177 -2.32 17.89 -2.94
CA ILE A 177 -2.84 16.58 -2.61
C ILE A 177 -3.34 16.06 -3.98
N ILE A 178 -2.69 15.04 -4.55
CA ILE A 178 -3.10 14.50 -5.85
C ILE A 178 -3.62 13.07 -5.71
N ASN A 179 -4.53 12.63 -6.60
CA ASN A 179 -5.07 11.27 -6.60
C ASN A 179 -3.97 10.28 -7.03
N GLU A 180 -3.92 9.12 -6.38
CA GLU A 180 -2.96 8.04 -6.64
C GLU A 180 -2.99 7.60 -8.12
N PRO A 181 -4.16 7.37 -8.80
CA PRO A 181 -4.15 7.03 -10.24
C PRO A 181 -3.60 8.13 -11.15
N THR A 182 -3.81 9.42 -10.80
CA THR A 182 -3.23 10.55 -11.53
C THR A 182 -1.68 10.49 -11.40
N ALA A 183 -1.13 10.32 -10.17
CA ALA A 183 0.33 10.17 -9.98
C ALA A 183 0.88 9.01 -10.84
N ALA A 184 0.17 7.85 -10.87
CA ALA A 184 0.58 6.69 -11.69
C ALA A 184 0.62 7.01 -13.19
N ALA A 185 -0.40 7.72 -13.72
CA ALA A 185 -0.45 8.12 -15.15
C ALA A 185 0.65 9.15 -15.46
N ILE A 186 1.01 10.02 -14.50
CA ILE A 186 2.11 10.99 -14.63
C ILE A 186 3.45 10.23 -14.72
N ALA A 187 3.64 9.18 -13.90
CA ALA A 187 4.83 8.33 -13.90
C ALA A 187 5.12 7.74 -15.28
N TYR A 188 4.08 7.36 -16.02
CA TYR A 188 4.21 6.80 -17.36
C TYR A 188 4.17 7.81 -18.49
N GLY A 189 4.12 9.10 -18.15
CA GLY A 189 4.06 10.20 -19.11
C GLY A 189 2.80 10.21 -19.97
N LEU A 190 1.68 9.72 -19.43
CA LEU A 190 0.43 9.60 -20.20
C LEU A 190 -0.32 10.94 -20.43
N ASP A 191 0.16 12.04 -19.80
CA ASP A 191 -0.39 13.38 -19.92
C ASP A 191 0.41 14.22 -20.92
N ARG A 192 1.44 13.63 -21.56
CA ARG A 192 2.31 14.29 -22.54
C ARG A 192 2.20 13.62 -23.92
N THR A 193 1.01 13.10 -24.27
CA THR A 193 0.76 12.43 -25.55
C THR A 193 0.12 13.39 -26.58
N GLY A 194 0.34 14.70 -26.40
CA GLY A 194 -0.20 15.74 -27.27
C GLY A 194 -1.70 15.95 -27.10
N LYS A 195 -2.40 16.16 -28.23
CA LYS A 195 -3.85 16.40 -28.27
C LYS A 195 -4.67 15.11 -28.25
N GLY A 196 -5.99 15.28 -28.10
CA GLY A 196 -6.95 14.18 -28.07
C GLY A 196 -7.05 13.44 -26.76
N GLU A 197 -8.30 13.19 -26.31
CA GLU A 197 -8.64 12.49 -25.07
C GLU A 197 -8.04 11.08 -25.03
N ARG A 198 -7.45 10.71 -23.89
CA ARG A 198 -6.82 9.40 -23.65
C ARG A 198 -7.50 8.74 -22.45
N ASN A 199 -7.98 7.50 -22.61
CA ASN A 199 -8.62 6.73 -21.55
C ASN A 199 -7.62 5.76 -20.94
N VAL A 200 -7.40 5.91 -19.64
CA VAL A 200 -6.42 5.13 -18.88
C VAL A 200 -7.12 4.39 -17.76
N LEU A 201 -6.78 3.11 -17.61
CA LEU A 201 -7.27 2.28 -16.53
C LEU A 201 -6.07 1.95 -15.63
N ILE A 202 -6.18 2.27 -14.36
CA ILE A 202 -5.18 2.00 -13.34
C ILE A 202 -5.70 0.81 -12.50
N PHE A 203 -4.95 -0.30 -12.51
CA PHE A 203 -5.28 -1.49 -11.74
C PHE A 203 -4.29 -1.51 -10.55
N ASP A 204 -4.81 -1.18 -9.37
CA ASP A 204 -4.04 -1.03 -8.13
C ASP A 204 -4.34 -2.11 -7.06
N LEU A 205 -3.50 -3.15 -7.01
CA LEU A 205 -3.63 -4.25 -6.05
C LEU A 205 -2.47 -4.17 -5.03
N GLY A 206 -2.79 -3.70 -3.83
CA GLY A 206 -1.85 -3.51 -2.72
C GLY A 206 -1.85 -4.63 -1.71
N GLY A 207 -1.41 -4.31 -0.49
CA GLY A 207 -1.33 -5.24 0.63
C GLY A 207 -2.69 -5.55 1.24
N GLY A 208 -3.55 -4.54 1.38
CA GLY A 208 -4.86 -4.71 1.98
C GLY A 208 -6.05 -4.14 1.23
N THR A 209 -5.82 -3.51 0.05
CA THR A 209 -6.86 -2.88 -0.75
C THR A 209 -6.66 -3.10 -2.26
N PHE A 210 -7.78 -3.13 -2.98
CA PHE A 210 -7.83 -3.23 -4.43
C PHE A 210 -8.64 -2.05 -4.98
N ASP A 211 -8.09 -1.32 -5.95
CA ASP A 211 -8.72 -0.16 -6.59
C ASP A 211 -8.54 -0.20 -8.08
N VAL A 212 -9.61 0.09 -8.78
CA VAL A 212 -9.65 0.21 -10.23
C VAL A 212 -10.07 1.65 -10.50
N SER A 213 -9.28 2.36 -11.30
CA SER A 213 -9.63 3.74 -11.66
C SER A 213 -9.56 3.93 -13.15
N ILE A 214 -10.54 4.65 -13.69
CA ILE A 214 -10.59 5.01 -15.10
C ILE A 214 -10.47 6.53 -15.15
N LEU A 215 -9.44 7.01 -15.86
CA LEU A 215 -9.10 8.42 -16.06
C LEU A 215 -9.20 8.78 -17.53
N THR A 216 -9.63 9.99 -17.83
CA THR A 216 -9.58 10.57 -19.16
C THR A 216 -8.54 11.70 -19.06
N ILE A 217 -7.55 11.73 -19.98
CA ILE A 217 -6.53 12.77 -20.01
C ILE A 217 -6.76 13.57 -21.28
N ASP A 218 -7.42 14.72 -21.13
CA ASP A 218 -7.75 15.59 -22.25
C ASP A 218 -6.88 16.83 -22.22
N ASP A 219 -5.86 16.86 -23.10
CA ASP A 219 -4.91 17.97 -23.27
C ASP A 219 -4.31 18.45 -21.94
N GLY A 220 -3.69 17.52 -21.21
CA GLY A 220 -3.05 17.79 -19.93
C GLY A 220 -3.96 17.69 -18.71
N ILE A 221 -5.28 17.94 -18.91
CA ILE A 221 -6.28 17.91 -17.84
C ILE A 221 -6.75 16.46 -17.57
N PHE A 222 -6.71 16.03 -16.30
CA PHE A 222 -7.16 14.72 -15.83
C PHE A 222 -8.60 14.77 -15.35
N GLU A 223 -9.36 13.70 -15.60
CA GLU A 223 -10.75 13.56 -15.18
C GLU A 223 -11.00 12.11 -14.77
N VAL A 224 -11.43 11.89 -13.51
CA VAL A 224 -11.78 10.57 -12.99
C VAL A 224 -13.18 10.24 -13.51
N LYS A 225 -13.29 9.22 -14.35
CA LYS A 225 -14.57 8.82 -14.91
C LYS A 225 -15.24 7.77 -14.02
N ALA A 226 -14.45 6.90 -13.36
CA ALA A 226 -14.98 5.82 -12.52
C ALA A 226 -13.95 5.29 -11.56
N THR A 227 -14.42 4.82 -10.40
CA THR A 227 -13.61 4.16 -9.39
C THR A 227 -14.39 2.93 -8.94
N ALA A 228 -13.71 1.80 -8.80
CA ALA A 228 -14.37 0.59 -8.33
C ALA A 228 -13.37 -0.21 -7.52
N GLY A 229 -13.79 -1.24 -6.83
CA GLY A 229 -12.81 -2.03 -6.10
C GLY A 229 -13.33 -2.75 -4.88
N ASP A 230 -12.38 -3.21 -4.06
CA ASP A 230 -12.61 -3.93 -2.82
C ASP A 230 -11.58 -3.43 -1.82
N THR A 231 -12.05 -2.67 -0.83
CA THR A 231 -11.26 -2.10 0.24
C THR A 231 -10.64 -3.12 1.20
N HIS A 232 -11.06 -4.41 1.13
N HIS A 232 -11.14 -4.37 1.12
CA HIS A 232 -10.52 -5.45 2.01
CA HIS A 232 -10.67 -5.47 1.95
C HIS A 232 -9.78 -6.57 1.29
C HIS A 232 -10.20 -6.66 1.10
N LEU A 233 -9.45 -6.36 0.01
CA LEU A 233 -8.79 -7.35 -0.84
C LEU A 233 -7.39 -6.91 -1.16
N GLY A 234 -6.42 -7.74 -0.80
CA GLY A 234 -5.03 -7.45 -1.12
C GLY A 234 -4.13 -8.62 -0.89
N GLY A 235 -2.83 -8.35 -1.03
CA GLY A 235 -1.75 -9.30 -0.85
C GLY A 235 -1.81 -10.13 0.41
N GLU A 236 -2.30 -9.53 1.53
CA GLU A 236 -2.41 -10.25 2.80
C GLU A 236 -3.45 -11.41 2.76
N ASP A 237 -4.45 -11.34 1.87
CA ASP A 237 -5.42 -12.41 1.70
C ASP A 237 -4.77 -13.62 1.00
N PHE A 238 -3.78 -13.39 0.11
CA PHE A 238 -3.07 -14.47 -0.59
C PHE A 238 -2.11 -15.20 0.35
N ASP A 239 -1.46 -14.47 1.25
CA ASP A 239 -0.58 -15.00 2.30
C ASP A 239 -1.36 -15.92 3.22
N ASN A 240 -2.58 -15.50 3.60
CA ASN A 240 -3.47 -16.26 4.48
C ASN A 240 -3.92 -17.58 3.85
N ARG A 241 -4.10 -17.60 2.54
CA ARG A 241 -4.44 -18.80 1.79
C ARG A 241 -3.24 -19.75 1.80
N LEU A 242 -1.99 -19.22 1.75
CA LEU A 242 -0.78 -20.03 1.82
C LEU A 242 -0.67 -20.62 3.24
N VAL A 243 -0.90 -19.77 4.26
CA VAL A 243 -0.90 -20.15 5.67
C VAL A 243 -1.85 -21.35 5.90
N ASN A 244 -3.13 -21.23 5.49
CA ASN A 244 -4.13 -22.29 5.65
C ASN A 244 -3.67 -23.60 5.06
N HIS A 245 -3.09 -23.58 3.83
CA HIS A 245 -2.53 -24.75 3.14
C HIS A 245 -1.43 -25.44 3.97
N PHE A 246 -0.47 -24.67 4.48
CA PHE A 246 0.66 -25.19 5.25
C PHE A 246 0.26 -25.72 6.62
N VAL A 247 -0.80 -25.15 7.25
CA VAL A 247 -1.37 -25.66 8.51
C VAL A 247 -1.99 -27.07 8.23
N GLU A 248 -2.70 -27.25 7.11
CA GLU A 248 -3.30 -28.54 6.73
C GLU A 248 -2.21 -29.56 6.32
N GLU A 249 -1.12 -29.10 5.69
CA GLU A 249 0.00 -29.96 5.32
C GLU A 249 0.77 -30.39 6.60
N PHE A 250 0.96 -29.48 7.57
CA PHE A 250 1.60 -29.82 8.86
C PHE A 250 0.75 -30.88 9.58
N LYS A 251 -0.58 -30.73 9.52
CA LYS A 251 -1.53 -31.67 10.14
C LYS A 251 -1.46 -33.08 9.47
N ARG A 252 -1.34 -33.15 8.13
CA ARG A 252 -1.24 -34.43 7.42
C ARG A 252 0.09 -35.16 7.72
N LYS A 253 1.22 -34.43 7.79
CA LYS A 253 2.54 -34.99 8.06
C LYS A 253 2.80 -35.37 9.54
N HIS A 254 2.26 -34.59 10.50
CA HIS A 254 2.60 -34.82 11.90
C HIS A 254 1.42 -35.14 12.80
N LYS A 255 0.18 -35.09 12.28
CA LYS A 255 -1.05 -35.35 13.07
C LYS A 255 -1.11 -34.34 14.26
N LYS A 256 -0.79 -33.05 13.96
CA LYS A 256 -0.74 -31.95 14.92
C LYS A 256 -1.33 -30.65 14.34
N ASP A 257 -2.24 -30.01 15.09
CA ASP A 257 -2.86 -28.74 14.70
C ASP A 257 -2.06 -27.57 15.31
N ILE A 258 -1.48 -26.71 14.45
CA ILE A 258 -0.64 -25.57 14.90
C ILE A 258 -1.41 -24.25 14.99
N SER A 259 -2.60 -24.17 14.35
CA SER A 259 -3.50 -23.02 14.25
C SER A 259 -3.70 -22.18 15.53
N GLN A 260 -3.76 -22.83 16.70
CA GLN A 260 -3.97 -22.11 17.97
C GLN A 260 -2.67 -21.52 18.56
N ASN A 261 -1.50 -21.97 18.06
CA ASN A 261 -0.21 -21.48 18.52
C ASN A 261 0.12 -20.20 17.74
N LYS A 262 -0.09 -19.02 18.39
CA LYS A 262 0.11 -17.68 17.81
C LYS A 262 1.50 -17.44 17.20
N ARG A 263 2.56 -17.89 17.89
CA ARG A 263 3.96 -17.79 17.45
C ARG A 263 4.18 -18.63 16.19
N ALA A 264 3.63 -19.87 16.15
CA ALA A 264 3.78 -20.77 15.00
C ALA A 264 3.08 -20.20 13.76
N VAL A 265 1.88 -19.62 13.93
CA VAL A 265 1.10 -19.01 12.84
C VAL A 265 1.81 -17.75 12.29
N ARG A 266 2.33 -16.84 13.16
CA ARG A 266 3.05 -15.64 12.71
C ARG A 266 4.35 -15.97 11.95
N ARG A 267 5.15 -16.96 12.43
CA ARG A 267 6.39 -17.35 11.75
C ARG A 267 6.05 -17.97 10.38
N LEU A 268 4.94 -18.73 10.33
CA LEU A 268 4.44 -19.33 9.12
C LEU A 268 3.97 -18.22 8.16
N ARG A 269 3.25 -17.20 8.68
CA ARG A 269 2.73 -16.06 7.91
C ARG A 269 3.84 -15.25 7.23
N THR A 270 4.93 -14.94 7.98
CA THR A 270 6.04 -14.18 7.40
C THR A 270 6.79 -15.01 6.36
N ALA A 271 6.93 -16.33 6.59
CA ALA A 271 7.59 -17.21 5.64
C ALA A 271 6.75 -17.35 4.34
N CYS A 272 5.42 -17.38 4.47
CA CYS A 272 4.47 -17.45 3.36
C CYS A 272 4.51 -16.19 2.51
N GLU A 273 4.61 -15.01 3.15
CA GLU A 273 4.74 -13.71 2.48
C GLU A 273 5.99 -13.70 1.58
N ARG A 274 7.13 -14.17 2.14
N ARG A 274 7.12 -14.18 2.13
CA ARG A 274 8.41 -14.28 1.47
CA ARG A 274 8.41 -14.28 1.47
C ARG A 274 8.35 -15.25 0.30
C ARG A 274 8.39 -15.27 0.31
N ALA A 275 7.75 -16.45 0.52
CA ALA A 275 7.57 -17.50 -0.49
C ALA A 275 6.70 -17.03 -1.64
N LYS A 276 5.62 -16.26 -1.32
CA LYS A 276 4.70 -15.69 -2.29
C LYS A 276 5.49 -14.78 -3.26
N ARG A 277 6.36 -13.92 -2.71
N ARG A 277 6.37 -13.91 -2.71
CA ARG A 277 7.22 -13.02 -3.51
CA ARG A 277 7.24 -13.01 -3.49
C ARG A 277 8.18 -13.79 -4.40
C ARG A 277 8.17 -13.79 -4.41
N THR A 278 8.74 -14.92 -3.93
CA THR A 278 9.65 -15.79 -4.71
C THR A 278 8.92 -16.42 -5.93
N LEU A 279 7.65 -16.80 -5.72
CA LEU A 279 6.77 -17.37 -6.73
C LEU A 279 6.46 -16.42 -7.88
N SER A 280 6.79 -15.12 -7.73
CA SER A 280 6.61 -14.16 -8.81
C SER A 280 7.73 -14.26 -9.86
N SER A 281 8.89 -14.86 -9.52
CA SER A 281 9.99 -14.97 -10.48
C SER A 281 10.53 -16.40 -10.64
N SER A 282 10.15 -17.33 -9.75
CA SER A 282 10.49 -18.77 -9.80
C SER A 282 9.20 -19.61 -9.85
N THR A 283 9.28 -20.86 -10.37
CA THR A 283 8.11 -21.71 -10.45
C THR A 283 7.92 -22.54 -9.18
N GLN A 284 8.82 -22.35 -8.20
CA GLN A 284 8.74 -22.99 -6.89
C GLN A 284 9.47 -22.16 -5.80
N ALA A 285 9.04 -22.32 -4.56
CA ALA A 285 9.56 -21.61 -3.39
C ALA A 285 9.68 -22.62 -2.27
N SER A 286 10.67 -22.44 -1.41
CA SER A 286 10.90 -23.33 -0.29
C SER A 286 10.69 -22.62 1.02
N LEU A 287 10.05 -23.29 1.99
CA LEU A 287 9.87 -22.81 3.35
C LEU A 287 10.86 -23.58 4.21
N GLU A 288 11.58 -22.86 5.07
CA GLU A 288 12.60 -23.42 5.92
C GLU A 288 12.41 -22.80 7.29
N ILE A 289 11.56 -23.42 8.11
CA ILE A 289 11.26 -22.93 9.44
C ILE A 289 11.81 -23.91 10.47
N ASP A 290 12.88 -23.53 11.18
CA ASP A 290 13.46 -24.38 12.19
C ASP A 290 12.53 -24.37 13.41
N SER A 291 12.27 -25.57 13.97
CA SER A 291 11.44 -25.78 15.17
C SER A 291 10.16 -24.94 15.15
N LEU A 292 9.28 -25.17 14.14
CA LEU A 292 8.02 -24.45 13.97
C LEU A 292 7.05 -24.67 15.14
N PHE A 293 6.85 -25.95 15.51
CA PHE A 293 5.94 -26.37 16.56
C PHE A 293 6.43 -27.68 17.16
N GLU A 294 6.55 -27.70 18.50
CA GLU A 294 6.97 -28.84 19.32
C GLU A 294 8.33 -29.43 18.87
N GLY A 295 9.22 -28.55 18.42
CA GLY A 295 10.57 -28.91 17.99
C GLY A 295 10.69 -29.46 16.59
N ILE A 296 9.57 -29.43 15.86
CA ILE A 296 9.47 -29.94 14.49
C ILE A 296 9.79 -28.87 13.45
N ASP A 297 10.85 -29.12 12.68
CA ASP A 297 11.26 -28.26 11.58
C ASP A 297 10.23 -28.40 10.48
N PHE A 298 9.94 -27.31 9.78
CA PHE A 298 9.02 -27.31 8.65
C PHE A 298 9.79 -26.91 7.40
N TYR A 299 10.28 -27.94 6.70
CA TYR A 299 11.08 -27.81 5.48
C TYR A 299 10.25 -28.40 4.37
N THR A 300 9.65 -27.53 3.57
CA THR A 300 8.76 -27.91 2.48
C THR A 300 8.94 -26.95 1.28
N SER A 301 8.14 -27.15 0.24
CA SER A 301 8.16 -26.35 -0.96
C SER A 301 6.77 -26.27 -1.52
N ILE A 302 6.55 -25.31 -2.42
CA ILE A 302 5.25 -25.08 -3.05
C ILE A 302 5.48 -24.62 -4.47
N THR A 303 4.70 -25.15 -5.42
CA THR A 303 4.85 -24.69 -6.81
C THR A 303 4.04 -23.45 -7.03
N ARG A 304 4.29 -22.74 -8.15
CA ARG A 304 3.49 -21.58 -8.54
C ARG A 304 2.07 -22.07 -8.92
N ALA A 305 1.97 -23.25 -9.58
CA ALA A 305 0.69 -23.89 -9.97
C ALA A 305 -0.22 -24.14 -8.77
N ARG A 306 0.34 -24.66 -7.65
N ARG A 306 0.33 -24.67 -7.65
CA ARG A 306 -0.37 -24.91 -6.39
CA ARG A 306 -0.44 -24.90 -6.41
C ARG A 306 -0.84 -23.57 -5.77
C ARG A 306 -0.87 -23.55 -5.78
N PHE A 307 0.03 -22.54 -5.77
CA PHE A 307 -0.27 -21.21 -5.23
C PHE A 307 -1.40 -20.56 -6.03
N GLU A 308 -1.35 -20.69 -7.37
CA GLU A 308 -2.41 -20.14 -8.25
C GLU A 308 -3.76 -20.85 -7.99
N GLU A 309 -3.74 -22.14 -7.62
CA GLU A 309 -4.95 -22.92 -7.30
C GLU A 309 -5.53 -22.43 -5.97
N LEU A 310 -4.66 -22.28 -4.94
CA LEU A 310 -5.04 -21.77 -3.62
C LEU A 310 -5.72 -20.38 -3.65
N CYS A 311 -5.28 -19.46 -4.57
CA CYS A 311 -5.78 -18.08 -4.72
C CYS A 311 -6.68 -17.81 -5.92
N SER A 312 -7.00 -18.86 -6.72
CA SER A 312 -7.79 -18.81 -7.96
C SER A 312 -9.04 -17.93 -7.91
N ASP A 313 -9.93 -18.16 -6.94
CA ASP A 313 -11.20 -17.42 -6.74
C ASP A 313 -10.92 -15.93 -6.44
N LEU A 314 -9.86 -15.62 -5.68
CA LEU A 314 -9.47 -14.25 -5.32
C LEU A 314 -8.94 -13.52 -6.52
N PHE A 315 -8.09 -14.15 -7.33
CA PHE A 315 -7.55 -13.54 -8.55
C PHE A 315 -8.65 -13.21 -9.54
N ARG A 316 -9.56 -14.17 -9.78
CA ARG A 316 -10.72 -13.99 -10.69
C ARG A 316 -11.69 -12.89 -10.22
N SER A 317 -11.80 -12.64 -8.89
CA SER A 317 -12.67 -11.62 -8.31
C SER A 317 -12.20 -10.18 -8.62
N THR A 318 -10.92 -10.01 -9.00
CA THR A 318 -10.40 -8.68 -9.37
C THR A 318 -11.02 -8.17 -10.70
N LEU A 319 -11.61 -9.07 -11.53
CA LEU A 319 -12.18 -8.71 -12.83
C LEU A 319 -13.59 -8.12 -12.75
N GLU A 320 -14.33 -8.34 -11.65
CA GLU A 320 -15.69 -7.80 -11.48
C GLU A 320 -15.64 -6.27 -11.30
N PRO A 321 -14.78 -5.67 -10.41
CA PRO A 321 -14.69 -4.20 -10.35
C PRO A 321 -14.17 -3.56 -11.65
N VAL A 322 -13.33 -4.28 -12.43
CA VAL A 322 -12.85 -3.77 -13.72
C VAL A 322 -14.07 -3.60 -14.68
N GLU A 323 -14.96 -4.62 -14.75
CA GLU A 323 -16.18 -4.59 -15.56
C GLU A 323 -17.11 -3.50 -15.04
N LYS A 324 -17.26 -3.40 -13.69
CA LYS A 324 -18.09 -2.39 -13.02
C LYS A 324 -17.61 -0.97 -13.34
N ALA A 325 -16.28 -0.73 -13.31
CA ALA A 325 -15.70 0.57 -13.61
C ALA A 325 -15.94 0.91 -15.09
N LEU A 326 -15.81 -0.06 -16.00
CA LEU A 326 -16.05 0.16 -17.43
C LEU A 326 -17.51 0.57 -17.72
N ARG A 327 -18.50 -0.12 -17.09
CA ARG A 327 -19.92 0.21 -17.23
C ARG A 327 -20.23 1.60 -16.65
N ASP A 328 -19.69 1.94 -15.44
CA ASP A 328 -19.89 3.26 -14.79
C ASP A 328 -19.35 4.39 -15.68
N ALA A 329 -18.14 4.18 -16.27
CA ALA A 329 -17.46 5.10 -17.19
C ALA A 329 -18.12 5.12 -18.57
N LYS A 330 -19.02 4.15 -18.85
CA LYS A 330 -19.72 4.00 -20.13
C LYS A 330 -18.70 3.81 -21.29
N LEU A 331 -17.70 2.97 -21.04
CA LEU A 331 -16.66 2.66 -22.00
C LEU A 331 -16.60 1.18 -22.24
N ASP A 332 -16.23 0.78 -23.45
CA ASP A 332 -16.00 -0.61 -23.81
C ASP A 332 -14.48 -0.83 -23.64
N LYS A 333 -14.04 -2.10 -23.60
CA LYS A 333 -12.62 -2.48 -23.44
C LYS A 333 -11.70 -1.84 -24.49
N ALA A 334 -12.11 -1.84 -25.77
CA ALA A 334 -11.36 -1.29 -26.89
C ALA A 334 -11.18 0.25 -26.84
N GLN A 335 -11.98 0.94 -26.00
CA GLN A 335 -11.95 2.40 -25.79
C GLN A 335 -10.88 2.83 -24.77
N ILE A 336 -10.28 1.87 -24.04
CA ILE A 336 -9.21 2.11 -23.06
C ILE A 336 -7.88 2.07 -23.81
N HIS A 337 -7.16 3.19 -23.81
CA HIS A 337 -5.87 3.32 -24.50
C HIS A 337 -4.71 2.68 -23.73
N ASP A 338 -4.65 2.88 -22.38
CA ASP A 338 -3.54 2.40 -21.54
C ASP A 338 -4.00 1.66 -20.28
N LEU A 339 -3.26 0.59 -19.93
CA LEU A 339 -3.49 -0.20 -18.74
C LEU A 339 -2.23 -0.03 -17.85
N VAL A 340 -2.40 0.48 -16.64
CA VAL A 340 -1.30 0.74 -15.70
C VAL A 340 -1.44 -0.14 -14.46
N LEU A 341 -0.34 -0.85 -14.07
CA LEU A 341 -0.29 -1.71 -12.88
C LEU A 341 0.37 -0.99 -11.71
N VAL A 342 -0.31 -0.96 -10.56
CA VAL A 342 0.12 -0.29 -9.34
C VAL A 342 -0.06 -1.31 -8.18
N GLY A 343 0.85 -1.30 -7.22
CA GLY A 343 0.84 -2.20 -6.08
C GLY A 343 1.68 -3.42 -6.31
N GLY A 344 2.42 -3.82 -5.27
CA GLY A 344 3.31 -4.99 -5.27
C GLY A 344 2.67 -6.29 -5.70
N SER A 345 1.38 -6.52 -5.37
CA SER A 345 0.69 -7.76 -5.76
C SER A 345 0.43 -7.90 -7.27
N THR A 346 0.61 -6.80 -8.07
CA THR A 346 0.39 -6.86 -9.53
C THR A 346 1.57 -7.57 -10.19
N ARG A 347 2.65 -7.84 -9.42
CA ARG A 347 3.82 -8.61 -9.89
C ARG A 347 3.47 -10.08 -10.06
N ILE A 348 2.40 -10.57 -9.42
CA ILE A 348 1.95 -11.98 -9.54
C ILE A 348 1.64 -12.30 -11.02
N PRO A 349 2.41 -13.23 -11.66
CA PRO A 349 2.17 -13.52 -13.10
C PRO A 349 0.73 -13.90 -13.45
N LYS A 350 -0.01 -14.65 -12.59
CA LYS A 350 -1.40 -15.02 -12.87
C LYS A 350 -2.34 -13.80 -12.92
N VAL A 351 -2.09 -12.80 -12.07
CA VAL A 351 -2.86 -11.55 -12.02
C VAL A 351 -2.69 -10.79 -13.34
N GLN A 352 -1.43 -10.71 -13.84
CA GLN A 352 -1.12 -10.06 -15.11
C GLN A 352 -1.75 -10.80 -16.25
N LYS A 353 -1.70 -12.14 -16.23
CA LYS A 353 -2.29 -12.99 -17.27
C LYS A 353 -3.82 -12.80 -17.40
N LEU A 354 -4.54 -12.79 -16.26
CA LEU A 354 -6.00 -12.61 -16.20
C LEU A 354 -6.43 -11.24 -16.70
N LEU A 355 -5.68 -10.18 -16.31
CA LEU A 355 -5.97 -8.81 -16.73
C LEU A 355 -5.71 -8.61 -18.25
N GLN A 356 -4.57 -9.15 -18.75
CA GLN A 356 -4.18 -9.10 -20.16
C GLN A 356 -5.19 -9.85 -21.06
N ASP A 357 -5.68 -11.03 -20.61
CA ASP A 357 -6.68 -11.82 -21.34
C ASP A 357 -8.07 -11.17 -21.35
N PHE A 358 -8.41 -10.41 -20.28
CA PHE A 358 -9.68 -9.69 -20.17
C PHE A 358 -9.65 -8.52 -21.15
N PHE A 359 -8.44 -7.92 -21.37
CA PHE A 359 -8.29 -6.84 -22.32
C PHE A 359 -7.77 -7.31 -23.70
N ASN A 360 -8.13 -8.54 -24.07
CA ASN A 360 -7.87 -9.18 -25.37
C ASN A 360 -6.38 -9.25 -25.80
N GLY A 361 -5.52 -9.66 -24.88
CA GLY A 361 -4.08 -9.86 -25.14
C GLY A 361 -3.21 -8.62 -25.12
N ARG A 362 -3.78 -7.48 -24.71
CA ARG A 362 -3.15 -6.16 -24.62
C ARG A 362 -1.88 -6.08 -23.74
N ASP A 363 -0.94 -5.19 -24.08
CA ASP A 363 0.29 -4.93 -23.30
C ASP A 363 -0.03 -4.13 -22.05
N LEU A 364 0.69 -4.41 -20.95
CA LEU A 364 0.50 -3.71 -19.68
C LEU A 364 1.68 -2.80 -19.37
N ASN A 365 1.40 -1.61 -18.82
CA ASN A 365 2.43 -0.67 -18.36
C ASN A 365 2.84 -1.13 -16.96
N LYS A 366 4.06 -1.69 -16.85
CA LYS A 366 4.60 -2.32 -15.64
C LYS A 366 6.13 -2.19 -15.49
N SER A 367 6.79 -1.36 -16.32
CA SER A 367 8.24 -1.17 -16.25
C SER A 367 8.69 -0.42 -14.98
N ILE A 368 7.82 0.42 -14.42
CA ILE A 368 8.13 1.09 -13.15
C ILE A 368 7.64 0.15 -12.03
N ASN A 369 8.51 -0.15 -11.03
CA ASN A 369 8.16 -0.95 -9.85
C ASN A 369 6.78 -0.51 -9.37
N PRO A 370 5.79 -1.43 -9.43
CA PRO A 370 4.40 -1.04 -9.14
C PRO A 370 4.15 -0.51 -7.73
N ASP A 371 4.99 -0.91 -6.76
CA ASP A 371 4.90 -0.41 -5.40
C ASP A 371 5.54 0.98 -5.26
N GLU A 372 6.17 1.50 -6.36
CA GLU A 372 6.87 2.79 -6.42
C GLU A 372 6.32 3.80 -7.45
N ALA A 373 5.43 3.37 -8.38
CA ALA A 373 4.88 4.21 -9.47
C ALA A 373 4.16 5.49 -9.00
N VAL A 374 3.43 5.39 -7.88
CA VAL A 374 2.70 6.50 -7.29
C VAL A 374 3.68 7.52 -6.71
N ALA A 375 4.70 7.12 -5.94
CA ALA A 375 5.72 8.04 -5.40
C ALA A 375 6.55 8.68 -6.53
N TYR A 376 6.82 7.90 -7.60
CA TYR A 376 7.53 8.33 -8.80
C TYR A 376 6.78 9.52 -9.44
N GLY A 377 5.49 9.34 -9.75
CA GLY A 377 4.66 10.38 -10.35
C GLY A 377 4.48 11.60 -9.48
N ALA A 378 4.32 11.41 -8.15
CA ALA A 378 4.19 12.51 -7.17
C ALA A 378 5.48 13.33 -7.14
N ALA A 379 6.67 12.66 -7.23
CA ALA A 379 7.99 13.30 -7.27
C ALA A 379 8.12 14.18 -8.54
N VAL A 380 7.58 13.70 -9.67
CA VAL A 380 7.55 14.42 -10.96
C VAL A 380 6.66 15.64 -10.80
N GLN A 381 5.41 15.46 -10.29
CA GLN A 381 4.51 16.59 -10.05
C GLN A 381 5.11 17.63 -9.07
N ALA A 382 5.78 17.15 -8.00
CA ALA A 382 6.40 18.02 -7.01
C ALA A 382 7.47 18.91 -7.65
N ALA A 383 8.29 18.37 -8.60
CA ALA A 383 9.34 19.12 -9.30
C ALA A 383 8.73 20.22 -10.19
N ILE A 384 7.71 19.87 -10.99
CA ILE A 384 7.00 20.81 -11.86
C ILE A 384 6.38 21.94 -11.00
N LEU A 385 5.67 21.59 -9.90
CA LEU A 385 5.06 22.58 -9.02
C LEU A 385 6.03 23.53 -8.34
N ILE A 386 7.17 23.02 -7.82
CA ILE A 386 8.17 23.84 -7.13
C ILE A 386 8.88 24.79 -8.11
N LYS A 387 9.08 24.37 -9.38
CA LYS A 387 9.70 25.18 -10.45
C LYS A 387 8.80 26.40 -10.77
N SER A 388 7.48 26.17 -10.95
CA SER A 388 6.50 27.22 -11.22
C SER A 388 6.38 28.24 -10.06
N THR A 389 6.55 27.77 -8.80
CA THR A 389 6.57 28.59 -7.59
C THR A 389 7.81 29.51 -7.58
N ARG A 390 8.96 29.00 -8.12
CA ARG A 390 10.28 29.67 -8.20
C ARG A 390 10.85 29.95 -6.82
P PO4 B . -3.92 2.32 -0.80
O1 PO4 B . -2.60 2.52 0.09
O2 PO4 B . -4.49 3.74 -1.26
O3 PO4 B . -5.01 1.63 0.03
O4 PO4 B . -3.54 1.44 -2.08
P PO4 C . -10.10 -4.59 20.60
O1 PO4 C . -9.11 -3.40 20.51
O2 PO4 C . -11.25 -4.24 21.66
O3 PO4 C . -10.77 -4.85 19.16
O4 PO4 C . -9.32 -5.90 21.07
P PO4 D . -14.22 1.88 -3.96
O1 PO4 D . -13.72 2.92 -4.99
O2 PO4 D . -14.46 2.59 -2.55
O3 PO4 D . -15.61 1.25 -4.47
O4 PO4 D . -13.13 0.72 -3.79
P PO4 E . -0.48 -0.24 -0.05
O1 PO4 E . 0.32 0.54 1.10
O2 PO4 E . 0.26 -1.61 -0.46
O3 PO4 E . -0.53 0.74 -1.31
O4 PO4 E . -1.91 -0.56 0.44
S DMS F . 12.59 4.47 14.11
O DMS F . 11.50 3.70 14.66
C1 DMS F . 13.86 4.32 15.34
C2 DMS F . 12.12 6.16 14.37
S DMS G . 11.75 0.93 -11.83
O DMS G . 10.71 1.55 -11.02
C1 DMS G . 13.26 1.23 -10.94
C2 DMS G . 11.99 2.05 -13.19
S DMS H . -6.97 19.76 0.51
O DMS H . -8.19 20.42 0.99
C1 DMS H . -5.74 21.02 0.51
C2 DMS H . -7.22 19.58 -1.24
C1 EDO I . 9.91 -4.24 -12.19
O1 EDO I . 9.57 -3.34 -13.24
C2 EDO I . 8.63 -4.91 -11.63
O2 EDO I . 8.90 -5.47 -10.34
C1 EDO J . -7.97 3.42 3.07
O1 EDO J . -7.67 2.85 1.81
C2 EDO J . -9.38 4.06 3.05
O2 EDO J . -10.35 3.03 2.92
C1 EDO K . 15.84 8.14 8.35
O1 EDO K . 16.76 7.31 7.66
C2 EDO K . 15.81 7.75 9.84
O2 EDO K . 14.56 8.13 10.42
C1 EDO L . -14.95 11.84 -5.29
O1 EDO L . -13.96 12.72 -4.79
C2 EDO L . -15.49 10.95 -4.16
O2 EDO L . -15.84 11.73 -3.02
C1 EDO M . 0.28 22.98 3.62
O1 EDO M . 1.45 23.67 4.01
C2 EDO M . -0.56 23.88 2.68
O2 EDO M . -1.02 25.00 3.41
C1 PEG N . -1.92 17.25 -10.99
O1 PEG N . -1.59 17.21 -12.37
C2 PEG N . -3.37 16.91 -10.80
O2 PEG N . -3.71 16.99 -9.43
C3 PEG N . -5.11 17.10 -9.21
C4 PEG N . -5.61 15.97 -8.40
O4 PEG N . -5.42 14.76 -9.06
N1 1PS O . -21.50 -4.08 -22.99
C1 1PS O . -21.66 -2.86 -22.46
C2 1PS O . -22.38 -2.69 -21.28
C3 1PS O . -22.08 -5.17 -22.42
C4 1PS O . -22.78 -5.05 -21.24
C5 1PS O . -22.92 -3.80 -20.67
C6 1PS O . -20.61 -4.25 -24.16
C7 1PS O . -19.24 -4.76 -23.76
C8 1PS O . -18.29 -4.91 -24.94
S1 1PS O . -16.63 -5.32 -24.44
O1 1PS O . -16.69 -6.69 -23.94
O2 1PS O . -15.81 -5.21 -25.64
O3 1PS O . -16.26 -4.37 -23.42
CL A1ACZ P . 5.76 -5.76 -2.29
C4 A1ACZ P . 5.47 -7.21 -3.17
N2 A1ACZ P . 6.30 -7.69 -4.04
C3 A1ACZ P . 5.65 -8.82 -4.50
C A1ACZ P . 6.02 -9.82 -5.42
N4 A1ACZ P . 7.21 -9.85 -6.03
N3 A1ACZ P . 4.31 -7.91 -3.00
C2 A1ACZ P . 4.42 -8.98 -3.88
N1 A1ACZ P . 3.55 -9.97 -4.07
C1 A1ACZ P . 4.00 -10.85 -4.97
N A1ACZ P . 5.16 -10.83 -5.64
C5 A1ACZ P . 3.20 -7.68 -2.11
O A1ACZ P . 2.65 -6.40 -2.38
C8 A1ACZ P . 2.13 -5.82 -1.16
C9 A1ACZ P . 2.71 -4.43 -0.98
O1 A1ACZ P . 2.39 -3.59 -2.08
C7 A1ACZ P . 2.38 -6.84 -0.05
O2 A1ACZ P . 1.22 -7.63 0.14
C6 A1ACZ P . 3.53 -7.68 -0.61
O3 A1ACZ P . 3.59 -9.01 -0.13
#